data_6PL4
#
_entry.id   6PL4
#
_cell.length_a   52.052
_cell.length_b   52.052
_cell.length_c   227.917
_cell.angle_alpha   90.00
_cell.angle_beta   90.00
_cell.angle_gamma   120.00
#
_symmetry.space_group_name_H-M   'P 31 1 2'
#
loop_
_entity.id
_entity.type
_entity.pdbx_description
1 polymer 'High affinity nerve growth factor receptor'
2 non-polymer "N-{[5-(methoxymethyl)-2-(trifluoromethoxy)phenyl]methyl}-N'-(8-methyl-2-phenylimidazo[1,2-a]pyrazin-3-yl)urea"
3 water water
#
_entity_poly.entity_id   1
_entity_poly.type   'polypeptide(L)'
_entity_poly.pdbx_seq_one_letter_code
;GLQGHIIENPQYFSDACVHHIKRRDIVLKWELGEGAFGKVFLAECHNLLPEQDKMLVAVKALKEASESARQDFQREAELL
TMLQHQHIVRFFGVCTEGRPLLMVFEYMRHGDLNRFLRSHGPDAKLLAGGEDVAPGPLGLGQLLAVASQVAAGMVYLAGL
HFVHRDLATRNCLVGQGLVVKIGDFGMSRDIY(SEP)TDYYRVGGRTMLPIRWMPPESILYRKFTTESDVWSFGVVLWEI
FTYGKQPWYQLSNTEAIDCITQGRELERPRACPPEVYAIMRGCWQREPQQRHSIKDVHARLQALAQAPPVYLDVL
;
_entity_poly.pdbx_strand_id   A
#
# COMPACT_ATOMS: atom_id res chain seq x y z
N GLY A 1 6.58 0.85 -11.10
CA GLY A 1 5.60 1.25 -10.04
C GLY A 1 4.79 2.53 -10.29
N LEU A 2 5.43 3.53 -10.90
CA LEU A 2 4.79 4.79 -11.30
C LEU A 2 4.68 4.98 -12.82
N GLN A 3 5.76 4.68 -13.55
CA GLN A 3 5.80 4.79 -15.03
C GLN A 3 4.98 3.68 -15.72
N GLY A 4 4.18 4.06 -16.71
CA GLY A 4 3.26 3.15 -17.37
C GLY A 4 1.95 2.95 -16.63
N HIS A 5 1.82 3.58 -15.46
CA HIS A 5 0.59 3.64 -14.71
C HIS A 5 -0.01 5.01 -15.01
N ILE A 6 -1.34 5.06 -15.00
CA ILE A 6 -2.20 6.13 -15.55
C ILE A 6 -2.55 5.76 -16.99
N ALA A 16 11.23 21.91 -13.38
CA ALA A 16 10.43 20.76 -12.98
C ALA A 16 9.54 21.07 -11.77
N CYS A 17 8.41 20.36 -11.68
CA CYS A 17 7.53 20.41 -10.51
C CYS A 17 8.18 19.84 -9.23
N VAL A 18 9.21 19.02 -9.42
CA VAL A 18 9.89 18.30 -8.34
C VAL A 18 10.62 19.25 -7.38
N HIS A 19 10.36 19.11 -6.07
N HIS A 19 10.36 19.09 -6.09
CA HIS A 19 11.06 19.87 -5.04
CA HIS A 19 11.06 19.87 -5.06
C HIS A 19 12.44 19.25 -4.82
C HIS A 19 12.44 19.25 -4.81
N HIS A 20 13.43 20.09 -4.57
CA HIS A 20 14.82 19.64 -4.32
C HIS A 20 15.22 20.00 -2.91
N ILE A 21 16.02 19.11 -2.30
CA ILE A 21 16.54 19.27 -0.94
C ILE A 21 18.07 19.22 -1.03
N LYS A 22 18.75 20.17 -0.38
CA LYS A 22 20.21 20.15 -0.34
C LYS A 22 20.71 18.96 0.46
N ARG A 23 21.83 18.39 0.01
CA ARG A 23 22.37 17.17 0.60
C ARG A 23 22.76 17.39 2.06
N ARG A 24 23.29 18.56 2.36
CA ARG A 24 23.66 18.93 3.74
C ARG A 24 22.49 18.99 4.74
N ASP A 25 21.27 19.18 4.25
CA ASP A 25 20.07 19.17 5.08
C ASP A 25 19.58 17.76 5.46
N ILE A 26 20.08 16.74 4.78
CA ILE A 26 19.80 15.36 5.03
C ILE A 26 20.98 14.75 5.77
N VAL A 27 20.71 14.12 6.92
CA VAL A 27 21.72 13.41 7.71
C VAL A 27 21.22 11.99 7.91
N LEU A 28 21.89 11.02 7.28
CA LEU A 28 21.51 9.61 7.38
C LEU A 28 21.81 9.09 8.80
N LYS A 29 20.90 8.29 9.35
CA LYS A 29 21.09 7.74 10.68
C LYS A 29 21.42 6.26 10.58
N TRP A 30 20.55 5.51 9.92
CA TRP A 30 20.79 4.09 9.69
C TRP A 30 19.85 3.55 8.63
N GLU A 31 20.17 2.35 8.15
CA GLU A 31 19.36 1.62 7.18
C GLU A 31 18.07 1.12 7.81
N LEU A 32 16.98 1.20 7.05
CA LEU A 32 15.69 0.59 7.41
C LEU A 32 15.41 -0.66 6.56
N GLY A 33 15.71 -0.58 5.26
CA GLY A 33 15.46 -1.69 4.33
C GLY A 33 16.34 -1.66 3.09
N GLU A 34 16.30 -2.76 2.34
CA GLU A 34 17.25 -3.02 1.26
C GLU A 34 16.59 -3.81 0.12
N GLY A 35 17.05 -3.57 -1.10
CA GLY A 35 16.50 -4.21 -2.29
C GLY A 35 17.48 -4.30 -3.45
N ALA A 36 17.00 -4.86 -4.55
CA ALA A 36 17.77 -5.03 -5.78
C ALA A 36 18.18 -3.68 -6.39
N PHE A 37 17.22 -2.75 -6.43
CA PHE A 37 17.43 -1.41 -7.01
C PHE A 37 17.75 -0.29 -6.00
N GLY A 38 17.81 -0.59 -4.69
CA GLY A 38 18.10 0.46 -3.71
C GLY A 38 18.01 0.11 -2.23
N LYS A 39 18.25 1.12 -1.41
CA LYS A 39 18.22 1.03 0.05
C LYS A 39 17.41 2.20 0.58
N VAL A 40 16.82 2.00 1.76
CA VAL A 40 16.05 3.02 2.47
C VAL A 40 16.74 3.29 3.78
N PHE A 41 16.92 4.57 4.12
CA PHE A 41 17.53 5.00 5.38
C PHE A 41 16.55 5.84 6.19
N LEU A 42 16.66 5.74 7.51
CA LEU A 42 16.11 6.77 8.38
C LEU A 42 17.09 7.90 8.35
N ALA A 43 16.57 9.13 8.22
CA ALA A 43 17.40 10.31 8.23
C ALA A 43 16.74 11.47 8.98
N GLU A 44 17.58 12.42 9.40
CA GLU A 44 17.12 13.71 9.90
C GLU A 44 17.08 14.65 8.72
N CYS A 45 15.99 15.41 8.56
CA CYS A 45 15.93 16.46 7.55
C CYS A 45 15.74 17.81 8.22
N HIS A 46 16.69 18.70 8.00
CA HIS A 46 16.66 20.07 8.50
C HIS A 46 15.99 21.01 7.49
N ASN A 47 15.34 22.04 8.01
CA ASN A 47 14.73 23.11 7.21
C ASN A 47 13.71 22.61 6.18
N LEU A 48 13.04 21.50 6.48
CA LEU A 48 12.12 20.90 5.52
C LEU A 48 10.75 21.54 5.67
N LEU A 49 10.16 21.43 6.87
CA LEU A 49 8.84 22.00 7.15
C LEU A 49 8.98 23.17 8.14
N PRO A 50 8.09 24.18 8.06
CA PRO A 50 8.28 25.40 8.85
C PRO A 50 8.23 25.19 10.37
N GLU A 51 7.28 24.38 10.84
CA GLU A 51 7.09 24.13 12.28
C GLU A 51 8.19 23.24 12.88
N GLN A 52 8.61 22.24 12.11
CA GLN A 52 9.63 21.28 12.53
C GLN A 52 11.03 21.69 12.04
N ASP A 53 11.86 22.18 12.95
CA ASP A 53 13.27 22.51 12.66
C ASP A 53 14.10 21.27 12.27
N LYS A 54 13.86 20.16 12.96
CA LYS A 54 14.49 18.87 12.68
C LYS A 54 13.42 17.78 12.73
N MET A 55 13.27 17.03 11.64
CA MET A 55 12.31 15.94 11.59
C MET A 55 12.90 14.69 10.96
N LEU A 56 12.29 13.55 11.29
CA LEU A 56 12.70 12.27 10.75
C LEU A 56 12.03 12.07 9.40
N VAL A 57 12.79 11.51 8.46
CA VAL A 57 12.29 11.14 7.13
C VAL A 57 12.85 9.78 6.77
N ALA A 58 12.23 9.12 5.79
CA ALA A 58 12.78 7.92 5.17
C ALA A 58 13.37 8.32 3.84
N VAL A 59 14.62 7.94 3.59
CA VAL A 59 15.32 8.34 2.36
C VAL A 59 15.61 7.11 1.53
N LYS A 60 15.15 7.12 0.27
CA LYS A 60 15.40 6.02 -0.67
C LYS A 60 16.59 6.44 -1.51
N ALA A 61 17.65 5.64 -1.48
CA ALA A 61 18.86 5.88 -2.26
C ALA A 61 18.86 4.99 -3.50
N LEU A 62 18.99 5.61 -4.67
CA LEU A 62 19.09 4.88 -5.93
C LEU A 62 20.44 4.17 -6.00
N LYS A 63 20.42 2.88 -6.35
CA LYS A 63 21.63 2.04 -6.30
C LYS A 63 22.60 2.33 -7.46
N GLU A 64 22.08 2.25 -8.69
CA GLU A 64 22.85 2.54 -9.91
C GLU A 64 22.29 3.78 -10.59
N ALA A 65 23.11 4.82 -10.75
CA ALA A 65 22.73 6.05 -11.45
C ALA A 65 23.24 6.03 -12.92
N SER A 66 22.78 5.02 -13.66
CA SER A 66 22.97 4.97 -15.12
C SER A 66 21.96 5.90 -15.80
N GLU A 67 22.12 6.12 -17.10
CA GLU A 67 21.24 7.04 -17.85
C GLU A 67 19.76 6.63 -17.78
N SER A 68 19.50 5.33 -17.97
CA SER A 68 18.16 4.75 -17.87
C SER A 68 17.58 4.94 -16.47
N ALA A 69 18.32 4.50 -15.46
CA ALA A 69 17.94 4.65 -14.06
C ALA A 69 17.73 6.12 -13.65
N ARG A 70 18.61 7.01 -14.09
CA ARG A 70 18.52 8.45 -13.78
C ARG A 70 17.28 9.07 -14.42
N GLN A 71 16.96 8.65 -15.64
CA GLN A 71 15.71 9.02 -16.31
C GLN A 71 14.47 8.40 -15.63
N ASP A 72 14.57 7.15 -15.19
CA ASP A 72 13.49 6.49 -14.45
C ASP A 72 13.23 7.20 -13.11
N PHE A 73 14.32 7.59 -12.44
CA PHE A 73 14.27 8.35 -11.20
C PHE A 73 13.50 9.67 -11.34
N GLN A 74 13.79 10.40 -12.40
CA GLN A 74 13.16 11.69 -12.67
C GLN A 74 11.67 11.55 -12.96
N ARG A 75 11.30 10.51 -13.73
CA ARG A 75 9.89 10.22 -14.03
C ARG A 75 9.11 9.81 -12.78
N GLU A 76 9.72 8.95 -11.97
CA GLU A 76 9.19 8.59 -10.67
C GLU A 76 8.96 9.80 -9.78
N ALA A 77 9.94 10.71 -9.74
CA ALA A 77 9.87 11.93 -8.91
C ALA A 77 8.73 12.85 -9.32
N GLU A 78 8.58 13.05 -10.63
CA GLU A 78 7.46 13.83 -11.17
C GLU A 78 6.10 13.24 -10.79
N LEU A 79 5.97 11.93 -10.92
CA LEU A 79 4.71 11.24 -10.63
C LEU A 79 4.41 11.27 -9.15
N LEU A 80 5.41 11.01 -8.29
CA LEU A 80 5.23 11.12 -6.84
C LEU A 80 4.88 12.54 -6.38
N THR A 81 5.45 13.55 -7.04
CA THR A 81 5.09 14.95 -6.77
C THR A 81 3.61 15.22 -7.11
N MET A 82 3.14 14.62 -8.21
CA MET A 82 1.72 14.74 -8.63
C MET A 82 0.76 13.94 -7.73
N LEU A 83 1.20 12.79 -7.22
CA LEU A 83 0.36 11.94 -6.35
C LEU A 83 0.56 12.35 -4.91
N GLN A 84 -0.16 13.37 -4.46
CA GLN A 84 -0.05 13.83 -3.07
C GLN A 84 -1.43 14.11 -2.47
N HIS A 85 -1.72 13.48 -1.34
CA HIS A 85 -3.07 13.36 -0.79
C HIS A 85 -2.96 12.77 0.61
N GLN A 86 -3.96 13.01 1.45
CA GLN A 86 -3.99 12.61 2.87
C GLN A 86 -3.66 11.14 3.21
N HIS A 87 -4.02 10.23 2.30
N HIS A 87 -3.96 10.21 2.30
CA HIS A 87 -3.88 8.79 2.48
CA HIS A 87 -3.66 8.79 2.50
C HIS A 87 -2.90 8.20 1.47
C HIS A 87 -2.81 8.19 1.40
N ILE A 88 -2.02 9.04 0.94
N ILE A 88 -1.98 9.05 0.83
CA ILE A 88 -0.91 8.61 0.12
CA ILE A 88 -0.86 8.64 0.01
C ILE A 88 0.37 9.06 0.81
C ILE A 88 0.39 9.08 0.77
N VAL A 89 1.38 8.20 0.86
CA VAL A 89 2.66 8.53 1.52
C VAL A 89 3.31 9.78 0.92
N ARG A 90 3.68 10.69 1.82
CA ARG A 90 4.12 12.01 1.44
C ARG A 90 5.53 11.94 0.90
N PHE A 91 5.71 12.53 -0.28
CA PHE A 91 6.99 12.64 -0.95
C PHE A 91 7.39 14.10 -0.82
N PHE A 92 8.55 14.33 -0.21
CA PHE A 92 9.04 15.68 0.07
C PHE A 92 9.89 16.23 -1.07
N GLY A 93 10.69 15.38 -1.70
CA GLY A 93 11.47 15.80 -2.86
C GLY A 93 12.68 14.93 -3.08
N VAL A 94 13.56 15.40 -3.96
CA VAL A 94 14.79 14.65 -4.29
C VAL A 94 16.04 15.40 -3.85
N CYS A 95 17.13 14.68 -3.66
CA CYS A 95 18.47 15.29 -3.68
C CYS A 95 19.26 14.70 -4.85
N THR A 96 19.50 15.52 -5.88
CA THR A 96 20.26 15.11 -7.07
C THR A 96 21.64 15.79 -7.20
N GLU A 97 22.07 16.50 -6.16
CA GLU A 97 23.43 17.07 -6.18
C GLU A 97 24.42 16.01 -5.69
N GLY A 98 25.06 15.34 -6.65
CA GLY A 98 26.01 14.27 -6.37
C GLY A 98 25.33 12.96 -5.95
N ARG A 99 25.94 11.85 -6.34
CA ARG A 99 25.40 10.53 -6.06
C ARG A 99 25.61 10.16 -4.59
N PRO A 100 24.77 9.25 -4.04
CA PRO A 100 23.62 8.58 -4.66
C PRO A 100 22.44 9.53 -4.76
N LEU A 101 21.65 9.43 -5.83
CA LEU A 101 20.41 10.18 -5.93
C LEU A 101 19.46 9.71 -4.81
N LEU A 102 18.79 10.67 -4.15
CA LEU A 102 17.97 10.40 -2.97
C LEU A 102 16.55 10.88 -3.22
N MET A 103 15.58 10.12 -2.72
CA MET A 103 14.20 10.55 -2.67
C MET A 103 13.79 10.58 -1.23
N VAL A 104 13.15 11.67 -0.79
CA VAL A 104 12.86 11.89 0.63
C VAL A 104 11.36 11.79 0.84
N PHE A 105 11.00 10.94 1.81
CA PHE A 105 9.64 10.66 2.15
C PHE A 105 9.41 10.86 3.64
N GLU A 106 8.14 11.00 4.01
CA GLU A 106 7.78 11.00 5.42
C GLU A 106 8.07 9.62 6.02
N TYR A 107 8.42 9.61 7.29
CA TYR A 107 8.72 8.38 8.01
C TYR A 107 7.43 7.81 8.64
N MET A 108 7.21 6.52 8.45
CA MET A 108 5.99 5.84 8.90
C MET A 108 6.44 4.82 9.93
N ARG A 109 6.19 5.14 11.21
N ARG A 109 6.16 5.14 11.19
CA ARG A 109 6.79 4.45 12.36
CA ARG A 109 6.71 4.48 12.38
C ARG A 109 6.48 2.95 12.44
C ARG A 109 6.47 2.98 12.43
N HIS A 110 5.28 2.56 12.01
CA HIS A 110 4.89 1.16 12.10
C HIS A 110 5.25 0.29 10.89
N GLY A 111 5.85 0.87 9.85
CA GLY A 111 6.25 0.08 8.70
C GLY A 111 5.06 -0.31 7.86
N ASP A 112 5.17 -1.41 7.13
CA ASP A 112 4.13 -1.75 6.18
C ASP A 112 2.91 -2.35 6.90
N LEU A 113 1.75 -2.17 6.29
CA LEU A 113 0.49 -2.59 6.90
C LEU A 113 0.38 -4.09 7.15
N ASN A 114 1.01 -4.90 6.29
CA ASN A 114 1.03 -6.35 6.49
C ASN A 114 1.71 -6.73 7.79
N ARG A 115 2.90 -6.18 8.01
CA ARG A 115 3.69 -6.42 9.23
C ARG A 115 2.94 -5.93 10.47
N PHE A 116 2.27 -4.79 10.33
CA PHE A 116 1.47 -4.24 11.41
C PHE A 116 0.26 -5.12 11.75
N LEU A 117 -0.44 -5.62 10.74
CA LEU A 117 -1.57 -6.51 10.97
C LEU A 117 -1.14 -7.80 11.67
N ARG A 118 -0.05 -8.39 11.20
CA ARG A 118 0.44 -9.64 11.76
C ARG A 118 0.92 -9.53 13.21
N SER A 119 1.45 -8.38 13.59
CA SER A 119 1.92 -8.18 14.95
C SER A 119 0.80 -7.71 15.91
N HIS A 120 -0.42 -7.48 15.40
CA HIS A 120 -1.60 -7.19 16.21
C HIS A 120 -2.76 -8.13 15.87
N GLY A 121 -2.42 -9.42 15.73
CA GLY A 121 -3.36 -10.47 15.34
C GLY A 121 -4.07 -11.17 16.50
N PRO A 122 -4.67 -12.35 16.24
CA PRO A 122 -5.37 -13.13 17.29
C PRO A 122 -4.46 -13.57 18.43
N ASP A 123 -3.24 -13.95 18.05
CA ASP A 123 -2.16 -14.30 19.01
C ASP A 123 -1.69 -13.14 19.94
N ALA A 124 -1.89 -11.88 19.53
CA ALA A 124 -1.42 -10.69 20.28
C ALA A 124 -2.01 -10.53 21.69
N ALA A 128 1.88 -7.11 21.61
CA ALA A 128 1.49 -6.24 22.73
C ALA A 128 0.99 -4.87 22.26
N GLY A 129 0.19 -4.24 23.13
CA GLY A 129 -0.27 -2.86 22.91
C GLY A 129 0.82 -1.84 23.18
N GLY A 130 0.51 -0.57 22.90
CA GLY A 130 1.47 0.51 23.08
C GLY A 130 0.87 1.88 22.95
N GLU A 131 1.61 2.78 22.30
CA GLU A 131 1.29 4.20 22.24
C GLU A 131 0.04 4.52 21.40
N ASP A 132 -0.08 3.83 20.27
CA ASP A 132 -1.12 4.05 19.25
C ASP A 132 -2.18 2.96 19.17
N VAL A 133 -1.94 1.80 19.78
CA VAL A 133 -2.76 0.61 19.60
C VAL A 133 -2.94 -0.07 20.92
N ALA A 134 -4.19 -0.44 21.23
CA ALA A 134 -4.49 -1.22 22.44
C ALA A 134 -3.86 -2.62 22.41
N PRO A 135 -3.75 -3.28 23.59
CA PRO A 135 -3.32 -4.68 23.59
C PRO A 135 -4.28 -5.60 22.85
N GLY A 136 -3.80 -6.79 22.52
CA GLY A 136 -4.63 -7.80 21.88
C GLY A 136 -4.88 -7.57 20.40
N PRO A 137 -5.75 -8.39 19.80
CA PRO A 137 -6.05 -8.22 18.38
C PRO A 137 -6.70 -6.89 18.07
N LEU A 138 -6.48 -6.34 16.90
CA LEU A 138 -7.16 -5.12 16.51
C LEU A 138 -8.66 -5.35 16.54
N GLY A 139 -9.40 -4.38 17.06
CA GLY A 139 -10.85 -4.48 17.15
C GLY A 139 -11.48 -4.11 15.83
N LEU A 140 -12.77 -4.44 15.70
CA LEU A 140 -13.55 -4.21 14.49
C LEU A 140 -13.49 -2.76 14.02
N GLY A 141 -13.70 -1.84 14.96
CA GLY A 141 -13.58 -0.40 14.71
C GLY A 141 -12.24 -0.02 14.09
N GLN A 142 -11.15 -0.61 14.60
CA GLN A 142 -9.79 -0.33 14.12
C GLN A 142 -9.54 -0.96 12.75
N LEU A 143 -10.00 -2.19 12.54
CA LEU A 143 -9.86 -2.85 11.24
C LEU A 143 -10.62 -2.07 10.17
N LEU A 144 -11.79 -1.55 10.53
CA LEU A 144 -12.60 -0.75 9.59
C LEU A 144 -11.94 0.57 9.24
N ALA A 145 -11.31 1.19 10.24
CA ALA A 145 -10.59 2.45 10.06
C ALA A 145 -9.40 2.28 9.12
N VAL A 146 -8.67 1.19 9.29
CA VAL A 146 -7.56 0.81 8.41
C VAL A 146 -8.04 0.65 6.97
N ALA A 147 -9.04 -0.21 6.78
CA ALA A 147 -9.68 -0.42 5.46
C ALA A 147 -10.18 0.89 4.83
N SER A 148 -10.83 1.73 5.62
CA SER A 148 -11.39 2.98 5.11
C SER A 148 -10.32 3.94 4.58
N GLN A 149 -9.20 4.02 5.28
CA GLN A 149 -8.11 4.88 4.88
C GLN A 149 -7.44 4.43 3.58
N VAL A 150 -7.25 3.12 3.43
CA VAL A 150 -6.72 2.53 2.19
C VAL A 150 -7.71 2.78 1.06
N ALA A 151 -9.00 2.62 1.33
CA ALA A 151 -10.04 2.92 0.34
C ALA A 151 -10.01 4.39 -0.07
N ALA A 152 -9.83 5.30 0.90
CA ALA A 152 -9.74 6.73 0.59
C ALA A 152 -8.59 7.06 -0.37
N GLY A 153 -7.44 6.45 -0.19
CA GLY A 153 -6.32 6.63 -1.13
C GLY A 153 -6.64 6.12 -2.53
N MET A 154 -7.30 4.98 -2.62
CA MET A 154 -7.68 4.39 -3.90
C MET A 154 -8.70 5.26 -4.63
N VAL A 155 -9.65 5.84 -3.88
CA VAL A 155 -10.57 6.84 -4.44
C VAL A 155 -9.81 7.99 -5.11
N TYR A 156 -8.79 8.51 -4.44
CA TYR A 156 -7.98 9.59 -5.01
C TYR A 156 -7.21 9.15 -6.25
N LEU A 157 -6.61 7.95 -6.21
CA LEU A 157 -5.91 7.41 -7.37
C LEU A 157 -6.86 7.14 -8.54
N ALA A 158 -8.03 6.56 -8.24
CA ALA A 158 -9.09 6.35 -9.26
C ALA A 158 -9.52 7.67 -9.92
N GLY A 159 -9.64 8.72 -9.11
CA GLY A 159 -9.95 10.07 -9.60
C GLY A 159 -8.95 10.65 -10.58
N LEU A 160 -7.66 10.38 -10.35
CA LEU A 160 -6.58 10.72 -11.30
C LEU A 160 -6.42 9.71 -12.43
N HIS A 161 -7.23 8.64 -12.41
CA HIS A 161 -7.20 7.54 -13.39
C HIS A 161 -5.85 6.78 -13.38
N PHE A 162 -5.26 6.69 -12.20
CA PHE A 162 -4.01 5.98 -11.95
C PHE A 162 -4.33 4.55 -11.58
N VAL A 163 -3.71 3.61 -12.26
CA VAL A 163 -3.95 2.19 -12.02
C VAL A 163 -2.71 1.67 -11.30
N HIS A 164 -2.88 1.30 -10.03
CA HIS A 164 -1.75 0.90 -9.18
C HIS A 164 -1.08 -0.42 -9.60
N ARG A 165 -1.87 -1.49 -9.74
CA ARG A 165 -1.42 -2.83 -10.22
C ARG A 165 -0.78 -3.75 -9.18
N ASP A 166 -0.45 -3.22 -8.01
CA ASP A 166 0.13 -4.04 -6.94
C ASP A 166 -0.39 -3.56 -5.59
N LEU A 167 -1.68 -3.29 -5.55
CA LEU A 167 -2.33 -2.92 -4.32
C LEU A 167 -2.40 -4.16 -3.41
N ALA A 168 -1.82 -4.03 -2.22
CA ALA A 168 -1.75 -5.09 -1.22
C ALA A 168 -1.30 -4.43 0.09
N THR A 169 -1.54 -5.06 1.23
CA THR A 169 -1.18 -4.45 2.51
C THR A 169 0.32 -4.22 2.64
N ARG A 170 1.12 -5.08 2.01
CA ARG A 170 2.57 -4.86 1.96
C ARG A 170 2.96 -3.54 1.32
N ASN A 171 2.10 -3.01 0.46
CA ASN A 171 2.32 -1.73 -0.22
C ASN A 171 1.52 -0.58 0.34
N CYS A 172 1.21 -0.67 1.64
CA CYS A 172 0.68 0.45 2.41
C CYS A 172 1.59 0.58 3.62
N LEU A 173 1.71 1.80 4.17
CA LEU A 173 2.56 2.05 5.33
C LEU A 173 1.69 2.62 6.46
N VAL A 174 2.13 2.40 7.69
CA VAL A 174 1.36 2.76 8.88
C VAL A 174 2.23 3.68 9.73
N GLY A 175 1.70 4.86 10.03
CA GLY A 175 2.39 5.86 10.79
C GLY A 175 1.80 6.07 12.17
N GLN A 176 2.33 7.09 12.83
CA GLN A 176 1.90 7.47 14.17
C GLN A 176 0.41 7.76 14.21
N GLY A 177 -0.25 7.32 15.28
CA GLY A 177 -1.70 7.40 15.42
C GLY A 177 -2.50 6.49 14.49
N LEU A 178 -1.84 5.46 13.97
CA LEU A 178 -2.39 4.56 12.96
C LEU A 178 -2.97 5.23 11.73
N VAL A 179 -2.24 6.21 11.22
CA VAL A 179 -2.55 6.81 9.94
C VAL A 179 -2.01 5.80 8.92
N VAL A 180 -2.88 5.36 8.02
CA VAL A 180 -2.54 4.34 7.03
C VAL A 180 -2.54 5.02 5.66
N LYS A 181 -1.43 4.87 4.93
CA LYS A 181 -1.26 5.51 3.62
C LYS A 181 -0.73 4.52 2.58
N ILE A 182 -1.17 4.70 1.35
CA ILE A 182 -0.72 3.85 0.25
C ILE A 182 0.67 4.31 -0.13
N GLY A 183 1.60 3.38 -0.24
CA GLY A 183 2.96 3.71 -0.62
C GLY A 183 3.93 2.59 -0.32
N ASP A 184 5.04 2.59 -1.04
CA ASP A 184 6.09 1.58 -0.88
C ASP A 184 7.38 2.09 -1.49
N PHE A 185 8.48 1.42 -1.18
CA PHE A 185 9.79 1.85 -1.60
C PHE A 185 10.33 1.04 -2.76
N GLY A 186 9.46 0.26 -3.41
CA GLY A 186 9.83 -0.49 -4.60
C GLY A 186 10.65 -1.72 -4.30
N MET A 187 10.48 -2.30 -3.12
CA MET A 187 11.29 -3.44 -2.67
C MET A 187 10.40 -4.61 -2.26
N SER A 188 9.12 -4.56 -2.62
CA SER A 188 8.18 -5.56 -2.15
C SER A 188 8.42 -6.93 -2.80
N ARG A 189 8.88 -6.96 -4.04
CA ARG A 189 9.29 -8.22 -4.70
C ARG A 189 10.51 -8.90 -4.03
N ASP A 190 11.38 -8.10 -3.40
CA ASP A 190 12.52 -8.62 -2.63
C ASP A 190 12.12 -9.06 -1.22
N ILE A 191 11.35 -8.22 -0.51
CA ILE A 191 10.98 -8.47 0.88
C ILE A 191 9.91 -9.54 0.95
N TYR A 192 8.91 -9.47 0.06
CA TYR A 192 7.79 -10.40 0.04
C TYR A 192 7.73 -11.23 -1.25
N THR A 194 7.36 -14.36 -1.91
CA THR A 194 6.26 -15.34 -1.89
C THR A 194 4.87 -14.81 -2.34
N ASP A 195 4.69 -13.50 -2.29
CA ASP A 195 3.50 -12.83 -2.78
C ASP A 195 3.48 -12.59 -4.30
N TYR A 196 4.50 -13.06 -5.02
CA TYR A 196 4.61 -12.87 -6.45
C TYR A 196 4.90 -14.20 -7.11
N TYR A 197 4.40 -14.36 -8.34
CA TYR A 197 4.67 -15.52 -9.17
C TYR A 197 5.64 -15.09 -10.23
N ARG A 198 6.82 -15.73 -10.28
CA ARG A 198 7.81 -15.37 -11.28
C ARG A 198 7.47 -16.07 -12.60
N VAL A 199 7.26 -15.28 -13.64
CA VAL A 199 6.94 -15.81 -14.97
C VAL A 199 8.17 -15.80 -15.87
N GLY A 200 8.86 -14.66 -15.94
CA GLY A 200 10.00 -14.51 -16.83
C GLY A 200 11.28 -14.83 -16.11
N GLY A 201 12.39 -14.36 -16.67
CA GLY A 201 13.66 -14.30 -15.95
C GLY A 201 13.59 -13.26 -14.84
N ARG A 202 12.89 -12.15 -15.12
CA ARG A 202 12.72 -11.04 -14.16
C ARG A 202 11.28 -10.77 -13.68
N THR A 203 10.26 -11.01 -14.52
CA THR A 203 8.88 -10.59 -14.22
C THR A 203 8.23 -11.38 -13.06
N MET A 204 7.67 -10.63 -12.10
CA MET A 204 7.03 -11.18 -10.92
C MET A 204 5.66 -10.57 -10.76
N LEU A 205 4.62 -11.41 -10.77
CA LEU A 205 3.22 -10.96 -10.77
C LEU A 205 2.56 -11.24 -9.44
N PRO A 206 1.84 -10.25 -8.88
CA PRO A 206 1.09 -10.49 -7.63
C PRO A 206 -0.26 -11.19 -7.89
N ILE A 207 -0.20 -12.42 -8.40
CA ILE A 207 -1.38 -13.19 -8.85
C ILE A 207 -2.49 -13.32 -7.82
N ARG A 208 -2.15 -13.50 -6.55
CA ARG A 208 -3.17 -13.66 -5.50
C ARG A 208 -4.08 -12.44 -5.30
N TRP A 209 -3.60 -11.26 -5.70
CA TRP A 209 -4.34 -10.00 -5.65
C TRP A 209 -5.02 -9.63 -6.95
N MET A 210 -4.85 -10.46 -7.97
CA MET A 210 -5.25 -10.12 -9.34
C MET A 210 -6.57 -10.76 -9.74
N PRO A 211 -7.44 -10.00 -10.46
CA PRO A 211 -8.68 -10.57 -10.97
C PRO A 211 -8.44 -11.44 -12.20
N PRO A 212 -9.44 -12.28 -12.56
CA PRO A 212 -9.32 -13.18 -13.72
C PRO A 212 -8.90 -12.50 -15.01
N GLU A 213 -9.39 -11.28 -15.28
CA GLU A 213 -9.04 -10.56 -16.53
C GLU A 213 -7.61 -10.03 -16.54
N SER A 214 -7.02 -9.86 -15.37
CA SER A 214 -5.60 -9.51 -15.27
C SER A 214 -4.76 -10.74 -15.51
N ILE A 215 -5.15 -11.87 -14.92
CA ILE A 215 -4.40 -13.11 -15.11
C ILE A 215 -4.55 -13.65 -16.54
N LEU A 216 -5.79 -13.77 -17.00
CA LEU A 216 -6.09 -14.39 -18.31
C LEU A 216 -5.72 -13.52 -19.49
N TYR A 217 -6.10 -12.24 -19.43
CA TYR A 217 -5.99 -11.31 -20.57
C TYR A 217 -4.93 -10.21 -20.39
N ARG A 218 -4.29 -10.13 -19.22
CA ARG A 218 -3.33 -9.07 -18.90
C ARG A 218 -3.90 -7.65 -18.99
N LYS A 219 -5.16 -7.49 -18.64
CA LYS A 219 -5.79 -6.18 -18.56
C LYS A 219 -5.76 -5.67 -17.11
N PHE A 220 -5.24 -4.46 -16.94
CA PHE A 220 -5.20 -3.79 -15.64
C PHE A 220 -5.93 -2.47 -15.78
N THR A 221 -6.93 -2.27 -14.93
CA THR A 221 -7.80 -1.09 -14.97
C THR A 221 -8.13 -0.67 -13.55
N THR A 222 -8.84 0.44 -13.41
CA THR A 222 -9.38 0.86 -12.11
C THR A 222 -10.26 -0.26 -11.49
N GLU A 223 -10.94 -1.03 -12.34
CA GLU A 223 -11.73 -2.19 -11.90
C GLU A 223 -10.87 -3.33 -11.38
N SER A 224 -9.70 -3.56 -11.98
CA SER A 224 -8.78 -4.56 -11.44
C SER A 224 -8.21 -4.12 -10.09
N ASP A 225 -8.02 -2.81 -9.89
CA ASP A 225 -7.59 -2.30 -8.59
C ASP A 225 -8.66 -2.48 -7.52
N VAL A 226 -9.96 -2.39 -7.87
CA VAL A 226 -11.01 -2.58 -6.85
C VAL A 226 -11.04 -4.04 -6.45
N TRP A 227 -10.82 -4.93 -7.40
CA TRP A 227 -10.67 -6.35 -7.10
C TRP A 227 -9.57 -6.52 -6.05
N SER A 228 -8.40 -5.96 -6.36
CA SER A 228 -7.23 -5.98 -5.47
C SER A 228 -7.55 -5.39 -4.09
N PHE A 229 -8.32 -4.30 -4.06
CA PHE A 229 -8.80 -3.73 -2.79
C PHE A 229 -9.70 -4.69 -2.02
N GLY A 230 -10.57 -5.41 -2.72
CA GLY A 230 -11.31 -6.52 -2.13
C GLY A 230 -10.41 -7.50 -1.39
N VAL A 231 -9.32 -7.90 -2.04
CA VAL A 231 -8.32 -8.78 -1.44
C VAL A 231 -7.57 -8.07 -0.29
N VAL A 232 -7.31 -6.77 -0.41
CA VAL A 232 -6.75 -5.99 0.71
C VAL A 232 -7.66 -6.05 1.95
N LEU A 233 -8.96 -5.85 1.74
CA LEU A 233 -9.95 -5.94 2.80
C LEU A 233 -9.95 -7.32 3.48
N TRP A 234 -9.84 -8.38 2.68
CA TRP A 234 -9.64 -9.74 3.20
C TRP A 234 -8.36 -9.88 4.05
N GLU A 235 -7.24 -9.35 3.58
CA GLU A 235 -5.99 -9.35 4.35
C GLU A 235 -6.17 -8.65 5.71
N ILE A 236 -6.81 -7.48 5.70
CA ILE A 236 -7.03 -6.71 6.90
C ILE A 236 -7.77 -7.56 7.92
N PHE A 237 -8.86 -8.20 7.48
CA PHE A 237 -9.71 -8.96 8.38
C PHE A 237 -9.19 -10.36 8.72
N THR A 238 -8.13 -10.79 8.05
CA THR A 238 -7.37 -11.99 8.46
C THR A 238 -6.04 -11.64 9.13
N TYR A 239 -5.87 -10.37 9.53
CA TYR A 239 -4.65 -9.90 10.16
C TYR A 239 -3.39 -10.21 9.36
N GLY A 240 -3.46 -9.94 8.06
CA GLY A 240 -2.31 -10.03 7.18
C GLY A 240 -1.96 -11.39 6.59
N LYS A 241 -2.84 -12.37 6.73
CA LYS A 241 -2.60 -13.69 6.10
C LYS A 241 -2.60 -13.57 4.57
N GLN A 242 -1.80 -14.43 3.94
CA GLN A 242 -1.72 -14.46 2.49
C GLN A 242 -3.03 -15.02 1.91
N PRO A 243 -3.62 -14.32 0.92
CA PRO A 243 -4.74 -14.87 0.19
C PRO A 243 -4.32 -16.18 -0.45
N TRP A 244 -5.16 -17.20 -0.33
CA TRP A 244 -4.91 -18.52 -0.90
C TRP A 244 -3.62 -19.18 -0.38
N TYR A 245 -3.28 -18.91 0.89
CA TYR A 245 -2.02 -19.40 1.51
C TYR A 245 -1.85 -20.90 1.37
N GLN A 246 -2.97 -21.61 1.46
CA GLN A 246 -3.01 -23.05 1.26
C GLN A 246 -2.65 -23.54 -0.16
N LEU A 247 -2.67 -22.66 -1.15
CA LEU A 247 -2.45 -23.04 -2.56
C LEU A 247 -1.13 -22.56 -3.09
N SER A 248 -0.53 -23.36 -3.98
CA SER A 248 0.59 -22.94 -4.82
C SER A 248 0.16 -21.84 -5.78
N ASN A 249 1.14 -21.29 -6.49
CA ASN A 249 0.86 -20.22 -7.46
C ASN A 249 -0.03 -20.71 -8.62
N THR A 250 0.27 -21.88 -9.15
CA THR A 250 -0.52 -22.45 -10.25
C THR A 250 -1.93 -22.80 -9.76
N GLU A 251 -2.02 -23.38 -8.56
CA GLU A 251 -3.32 -23.68 -7.94
C GLU A 251 -4.14 -22.41 -7.71
N ALA A 252 -3.49 -21.34 -7.27
CA ALA A 252 -4.15 -20.05 -7.08
C ALA A 252 -4.70 -19.46 -8.39
N ILE A 253 -3.88 -19.49 -9.44
CA ILE A 253 -4.30 -19.06 -10.79
C ILE A 253 -5.58 -19.80 -11.23
N ASP A 254 -5.59 -21.12 -11.06
CA ASP A 254 -6.75 -21.96 -11.39
C ASP A 254 -7.98 -21.54 -10.60
N CYS A 255 -7.81 -21.33 -9.29
CA CYS A 255 -8.92 -20.95 -8.43
C CYS A 255 -9.52 -19.63 -8.86
N ILE A 256 -8.64 -18.67 -9.10
CA ILE A 256 -9.07 -17.32 -9.46
C ILE A 256 -9.75 -17.30 -10.82
N THR A 257 -9.15 -17.98 -11.80
CA THR A 257 -9.72 -18.07 -13.14
C THR A 257 -11.01 -18.90 -13.23
N GLN A 258 -11.18 -19.88 -12.35
CA GLN A 258 -12.42 -20.69 -12.27
C GLN A 258 -13.53 -20.07 -11.42
N GLY A 259 -13.25 -18.94 -10.79
CA GLY A 259 -14.24 -18.13 -10.09
C GLY A 259 -14.45 -18.47 -8.63
N ARG A 260 -13.49 -19.15 -8.00
CA ARG A 260 -13.54 -19.40 -6.56
C ARG A 260 -13.25 -18.11 -5.83
N GLU A 261 -14.06 -17.78 -4.82
CA GLU A 261 -13.88 -16.57 -4.01
C GLU A 261 -13.26 -16.94 -2.67
N LEU A 262 -12.45 -16.03 -2.12
CA LEU A 262 -11.90 -16.20 -0.79
C LEU A 262 -13.02 -16.29 0.24
N GLU A 263 -12.86 -17.19 1.22
CA GLU A 263 -13.86 -17.38 2.29
C GLU A 263 -13.88 -16.20 3.26
N ARG A 264 -15.00 -16.03 3.95
CA ARG A 264 -15.15 -14.97 4.94
C ARG A 264 -14.22 -15.19 6.11
N PRO A 265 -13.33 -14.22 6.41
CA PRO A 265 -12.49 -14.35 7.61
C PRO A 265 -13.34 -14.46 8.88
N ARG A 266 -12.88 -15.26 9.83
CA ARG A 266 -13.54 -15.38 11.16
C ARG A 266 -13.89 -14.02 11.76
N ALA A 267 -12.95 -13.06 11.72
CA ALA A 267 -13.17 -11.72 12.27
C ALA A 267 -14.04 -10.78 11.41
N CYS A 268 -14.47 -11.22 10.23
CA CYS A 268 -15.17 -10.34 9.29
C CYS A 268 -16.69 -10.48 9.48
N PRO A 269 -17.39 -9.36 9.76
CA PRO A 269 -18.87 -9.41 9.76
C PRO A 269 -19.44 -9.69 8.36
N PRO A 270 -20.66 -10.26 8.27
CA PRO A 270 -21.28 -10.50 6.95
C PRO A 270 -21.43 -9.23 6.09
N GLU A 271 -21.73 -8.09 6.72
CA GLU A 271 -21.84 -6.79 6.04
C GLU A 271 -20.54 -6.34 5.36
N VAL A 272 -19.40 -6.68 5.98
CA VAL A 272 -18.10 -6.34 5.44
C VAL A 272 -17.72 -7.34 4.34
N TYR A 273 -17.97 -8.62 4.59
CA TYR A 273 -17.80 -9.64 3.56
C TYR A 273 -18.58 -9.32 2.28
N ALA A 274 -19.75 -8.71 2.43
CA ALA A 274 -20.55 -8.27 1.29
C ALA A 274 -19.84 -7.21 0.45
N ILE A 275 -19.11 -6.31 1.11
CA ILE A 275 -18.28 -5.31 0.43
C ILE A 275 -17.15 -5.99 -0.34
N MET A 276 -16.49 -6.98 0.26
CA MET A 276 -15.46 -7.76 -0.47
C MET A 276 -16.06 -8.39 -1.72
N ARG A 277 -17.21 -9.06 -1.55
CA ARG A 277 -17.90 -9.72 -2.67
C ARG A 277 -18.25 -8.76 -3.82
N GLY A 278 -18.65 -7.54 -3.48
CA GLY A 278 -18.92 -6.51 -4.49
C GLY A 278 -17.69 -6.12 -5.33
N CYS A 279 -16.51 -6.21 -4.72
CA CYS A 279 -15.25 -6.05 -5.43
C CYS A 279 -14.87 -7.24 -6.32
N TRP A 280 -15.42 -8.42 -6.02
CA TRP A 280 -15.05 -9.66 -6.72
C TRP A 280 -16.06 -10.19 -7.73
N GLN A 281 -16.88 -9.31 -8.30
CA GLN A 281 -17.75 -9.69 -9.42
C GLN A 281 -16.84 -9.99 -10.61
N ARG A 282 -17.10 -11.10 -11.31
CA ARG A 282 -16.26 -11.55 -12.44
C ARG A 282 -16.14 -10.44 -13.48
N GLU A 283 -17.27 -9.94 -13.94
CA GLU A 283 -17.34 -8.86 -14.92
C GLU A 283 -16.90 -7.56 -14.26
N PRO A 284 -15.80 -6.93 -14.77
CA PRO A 284 -15.30 -5.66 -14.21
C PRO A 284 -16.33 -4.55 -14.07
N GLN A 285 -17.19 -4.40 -15.07
CA GLN A 285 -18.22 -3.35 -15.05
C GLN A 285 -19.27 -3.52 -13.94
N GLN A 286 -19.48 -4.76 -13.47
CA GLN A 286 -20.43 -5.06 -12.37
C GLN A 286 -19.84 -4.87 -10.96
N ARG A 287 -18.54 -4.64 -10.86
CA ARG A 287 -17.91 -4.35 -9.57
C ARG A 287 -18.33 -2.98 -9.09
N HIS A 288 -18.44 -2.83 -7.78
CA HIS A 288 -18.77 -1.51 -7.22
C HIS A 288 -17.55 -0.61 -7.34
N SER A 289 -17.81 0.68 -7.51
CA SER A 289 -16.77 1.69 -7.60
C SER A 289 -16.08 1.84 -6.25
N ILE A 290 -14.82 2.26 -6.29
CA ILE A 290 -14.06 2.47 -5.05
C ILE A 290 -14.65 3.60 -4.17
N LYS A 291 -15.28 4.60 -4.80
CA LYS A 291 -16.02 5.65 -4.09
C LYS A 291 -17.12 5.06 -3.19
N ASP A 292 -17.94 4.19 -3.76
CA ASP A 292 -19.00 3.47 -3.03
C ASP A 292 -18.45 2.52 -1.95
N VAL A 293 -17.37 1.81 -2.27
CA VAL A 293 -16.70 0.97 -1.29
C VAL A 293 -16.18 1.82 -0.10
N HIS A 294 -15.55 2.96 -0.41
CA HIS A 294 -15.08 3.88 0.63
C HIS A 294 -16.22 4.42 1.51
N ALA A 295 -17.34 4.76 0.89
CA ALA A 295 -18.52 5.29 1.59
C ALA A 295 -19.07 4.27 2.60
N ARG A 296 -19.18 3.01 2.19
CA ARG A 296 -19.66 1.96 3.07
C ARG A 296 -18.70 1.70 4.24
N LEU A 297 -17.41 1.67 3.95
CA LEU A 297 -16.40 1.43 4.99
C LEU A 297 -16.30 2.61 5.96
N GLN A 298 -16.30 3.83 5.44
CA GLN A 298 -16.19 5.05 6.26
C GLN A 298 -17.36 5.14 7.23
N ALA A 299 -18.55 4.83 6.71
CA ALA A 299 -19.76 4.74 7.50
C ALA A 299 -19.64 3.73 8.63
N LEU A 300 -19.16 2.53 8.31
CA LEU A 300 -18.94 1.49 9.32
C LEU A 300 -17.85 1.91 10.32
N ALA A 301 -16.73 2.41 9.83
CA ALA A 301 -15.65 2.89 10.69
C ALA A 301 -16.13 3.98 11.68
N GLN A 302 -16.96 4.89 11.21
CA GLN A 302 -17.45 6.01 12.01
C GLN A 302 -18.73 5.69 12.80
N ALA A 303 -19.26 4.48 12.67
CA ALA A 303 -20.52 4.11 13.32
C ALA A 303 -20.36 4.01 14.84
N PRO A 304 -21.43 4.35 15.60
CA PRO A 304 -21.33 4.26 17.05
C PRO A 304 -21.10 2.83 17.53
N PRO A 305 -20.38 2.65 18.66
CA PRO A 305 -20.17 1.30 19.21
C PRO A 305 -21.44 0.45 19.34
N VAL A 306 -22.56 1.08 19.71
CA VAL A 306 -23.87 0.39 19.80
C VAL A 306 -24.23 -0.31 18.48
N TYR A 307 -24.05 0.39 17.36
CA TYR A 307 -24.29 -0.20 16.04
C TYR A 307 -23.25 -1.30 15.73
N LEU A 308 -21.97 -0.95 15.83
CA LEU A 308 -20.90 -1.90 15.54
C LEU A 308 -20.89 -3.16 16.41
N ASP A 309 -21.31 -3.04 17.66
CA ASP A 309 -21.35 -4.20 18.58
C ASP A 309 -22.30 -5.34 18.16
N VAL A 310 -23.31 -5.04 17.34
CA VAL A 310 -24.26 -6.06 16.85
C VAL A 310 -24.11 -6.39 15.36
N LEU A 311 -22.96 -6.08 14.78
CA LEU A 311 -22.79 -6.14 13.31
C LEU A 311 -22.56 -7.58 12.83
#